data_3UF6
#
_entry.id   3UF6
#
_cell.length_a   53.440
_cell.length_b   75.594
_cell.length_c   60.332
_cell.angle_alpha   90.00
_cell.angle_beta   91.62
_cell.angle_gamma   90.00
#
_symmetry.space_group_name_H-M   'P 1 21 1'
#
loop_
_entity.id
_entity.type
_entity.pdbx_description
1 polymer 'Lmo1369 protein'
2 non-polymer 'DEPHOSPHO COENZYME A'
3 water water
#
_entity_poly.entity_id   1
_entity_poly.type   'polypeptide(L)'
_entity_poly.pdbx_seq_one_letter_code
;SNA(MSE)TKSRFFSDVAETSSFVFAVAGADDEVVLETIRLALKQKLGKFLLFGKKEDKTLTANESVTWIQTDTAEAAAQ
GAILAVKNKEADILVKGFIPTATL(MSE)HHVLKKENGLRTDQLLSQIAIFDIPTYHKPLLITDCA(MSE)NVAPKTKEK
IAITENALAVAHQIGITNPKIALLSAVEEVTAK(MSE)PSTLEAQEVVQHFGNQISVSGPLALDVAISKEAALHKGITDS
SAGEADILIAPNIETGNALYKSLVYFAGAKVGSAVVGAKVPIVISSRNDSPENKLASFILTVRLVEK
;
_entity_poly.pdbx_strand_id   A,B
#
loop_
_chem_comp.id
_chem_comp.type
_chem_comp.name
_chem_comp.formula
COD non-polymer 'DEPHOSPHO COENZYME A' 'C21 H35 N7 O13 P2 S'
#
# COMPACT_ATOMS: atom_id res chain seq x y z
N LYS A 6 6.19 20.24 12.36
CA LYS A 6 5.22 19.16 12.12
C LYS A 6 3.79 19.58 12.49
N SER A 7 2.94 19.69 11.48
CA SER A 7 1.52 20.01 11.69
C SER A 7 0.69 18.74 11.83
N ARG A 8 -0.16 18.69 12.85
CA ARG A 8 -0.97 17.51 13.13
C ARG A 8 -2.45 17.83 13.16
N PHE A 9 -3.26 16.96 12.57
CA PHE A 9 -4.69 17.13 12.59
C PHE A 9 -5.27 16.82 13.96
N PHE A 10 -4.85 15.69 14.54
CA PHE A 10 -5.29 15.32 15.89
C PHE A 10 -4.27 15.86 16.87
N SER A 11 -4.48 17.10 17.32
CA SER A 11 -3.49 17.78 18.15
C SER A 11 -3.80 17.61 19.64
N ASP A 12 -3.11 18.39 20.48
CA ASP A 12 -3.34 18.32 21.92
C ASP A 12 -4.56 19.14 22.34
N VAL A 13 -5.16 19.84 21.38
CA VAL A 13 -6.35 20.65 21.66
C VAL A 13 -7.59 19.77 21.54
N ALA A 14 -8.10 19.27 22.67
CA ALA A 14 -9.20 18.31 22.67
C ALA A 14 -10.48 18.84 22.02
N GLU A 15 -11.04 18.04 21.12
CA GLU A 15 -12.28 18.40 20.44
C GLU A 15 -13.52 18.18 21.34
N THR A 16 -14.48 19.10 21.27
CA THR A 16 -15.71 19.00 22.07
C THR A 16 -16.89 19.67 21.35
N SER A 17 -18.09 19.11 21.46
CA SER A 17 -19.23 19.67 20.73
C SER A 17 -20.56 19.24 21.33
N SER A 18 -21.65 19.83 20.83
CA SER A 18 -22.97 19.35 21.19
C SER A 18 -23.65 18.63 20.01
N PHE A 19 -22.86 18.21 19.02
CA PHE A 19 -23.42 17.39 17.94
C PHE A 19 -23.89 16.03 18.43
N VAL A 20 -24.91 15.50 17.76
CA VAL A 20 -25.50 14.23 18.16
C VAL A 20 -25.09 13.09 17.21
N PHE A 21 -24.50 12.04 17.78
CA PHE A 21 -24.18 10.81 17.04
C PHE A 21 -25.37 9.85 17.19
N ALA A 22 -25.93 9.37 16.08
CA ALA A 22 -26.94 8.30 16.14
C ALA A 22 -26.24 6.97 15.90
N VAL A 23 -26.23 6.12 16.93
CA VAL A 23 -25.54 4.83 16.87
C VAL A 23 -26.50 3.67 16.57
N ALA A 24 -26.32 3.07 15.39
CA ALA A 24 -27.16 1.97 14.94
C ALA A 24 -26.65 0.64 15.46
N GLY A 25 -27.16 0.21 16.62
CA GLY A 25 -26.77 -1.05 17.22
C GLY A 25 -25.74 -0.84 18.32
N ALA A 26 -26.16 -0.15 19.37
CA ALA A 26 -25.26 0.22 20.45
C ALA A 26 -25.11 -0.95 21.40
N ASP A 27 -24.40 -1.98 20.94
CA ASP A 27 -24.14 -3.16 21.76
C ASP A 27 -22.71 -3.64 21.51
N ASP A 28 -22.18 -4.37 22.49
CA ASP A 28 -20.83 -4.93 22.41
C ASP A 28 -19.75 -3.89 22.72
N GLU A 29 -18.72 -4.30 23.43
CA GLU A 29 -17.71 -3.35 23.86
C GLU A 29 -16.95 -2.76 22.66
N VAL A 30 -16.92 -3.49 21.55
CA VAL A 30 -16.24 -3.00 20.35
C VAL A 30 -16.89 -1.73 19.82
N VAL A 31 -18.17 -1.56 20.15
CA VAL A 31 -18.89 -0.35 19.81
C VAL A 31 -18.88 0.65 20.98
N LEU A 32 -19.20 0.17 22.18
CA LEU A 32 -19.37 1.07 23.32
C LEU A 32 -18.06 1.69 23.78
N GLU A 33 -16.93 0.99 23.60
CA GLU A 33 -15.66 1.54 24.10
C GLU A 33 -15.37 2.93 23.55
N THR A 34 -15.72 3.17 22.29
CA THR A 34 -15.44 4.47 21.66
C THR A 34 -16.35 5.54 22.23
N ILE A 35 -17.58 5.16 22.53
CA ILE A 35 -18.58 6.09 23.04
C ILE A 35 -18.18 6.55 24.43
N ARG A 36 -17.68 5.61 25.23
CA ARG A 36 -17.17 5.96 26.56
C ARG A 36 -16.03 6.98 26.47
N LEU A 37 -15.05 6.74 25.59
CA LEU A 37 -13.93 7.68 25.44
C LEU A 37 -14.44 9.05 24.99
N ALA A 38 -15.38 9.04 24.04
CA ALA A 38 -15.94 10.29 23.52
C ALA A 38 -16.59 11.11 24.63
N LEU A 39 -17.31 10.42 25.51
CA LEU A 39 -18.00 11.12 26.61
C LEU A 39 -17.02 11.75 27.61
N LYS A 40 -15.84 11.15 27.78
CA LYS A 40 -14.86 11.69 28.71
C LYS A 40 -14.43 13.11 28.36
N GLN A 41 -14.42 13.44 27.08
CA GLN A 41 -14.02 14.78 26.64
C GLN A 41 -15.19 15.57 26.05
N LYS A 42 -16.42 15.19 26.40
CA LYS A 42 -17.60 15.90 25.93
C LYS A 42 -17.58 16.08 24.41
N LEU A 43 -17.20 15.03 23.69
CA LEU A 43 -17.02 15.16 22.25
C LEU A 43 -18.36 15.43 21.55
N GLY A 44 -19.43 14.88 22.13
CA GLY A 44 -20.76 15.07 21.58
C GLY A 44 -21.79 14.31 22.38
N LYS A 45 -23.00 14.24 21.85
CA LYS A 45 -24.13 13.59 22.52
C LYS A 45 -24.48 12.34 21.74
N PHE A 46 -25.16 11.39 22.37
CA PHE A 46 -25.42 10.12 21.69
C PHE A 46 -26.86 9.67 21.75
N LEU A 47 -27.38 9.19 20.61
CA LEU A 47 -28.62 8.44 20.57
C LEU A 47 -28.23 7.00 20.35
N LEU A 48 -28.47 6.15 21.34
CA LEU A 48 -28.02 4.77 21.22
C LEU A 48 -29.21 3.88 20.97
N PHE A 49 -29.28 3.31 19.77
CA PHE A 49 -30.30 2.33 19.43
C PHE A 49 -29.68 0.95 19.60
N GLY A 50 -30.20 0.17 20.54
CA GLY A 50 -29.60 -1.12 20.86
C GLY A 50 -30.54 -2.04 21.62
N LYS A 51 -30.06 -3.23 21.92
CA LYS A 51 -30.91 -4.28 22.51
C LYS A 51 -30.76 -4.43 24.01
N LYS A 52 -29.57 -4.14 24.52
CA LYS A 52 -29.29 -4.36 25.94
C LYS A 52 -28.62 -3.15 26.56
N GLU A 53 -29.40 -2.34 27.26
CA GLU A 53 -28.92 -1.07 27.80
C GLU A 53 -27.80 -1.25 28.79
N ASP A 54 -26.74 -0.45 28.64
CA ASP A 54 -25.68 -0.36 29.63
C ASP A 54 -26.06 0.81 30.52
N LYS A 55 -26.61 0.54 31.70
CA LYS A 55 -27.16 1.58 32.56
C LYS A 55 -26.12 2.57 33.08
N THR A 56 -24.89 2.11 33.25
CA THR A 56 -23.85 3.00 33.73
C THR A 56 -23.53 4.02 32.65
N LEU A 57 -23.50 3.54 31.42
CA LEU A 57 -23.20 4.40 30.29
CA LEU A 57 -23.21 4.39 30.28
C LEU A 57 -24.35 5.39 30.06
N THR A 58 -25.58 4.92 30.19
CA THR A 58 -26.73 5.79 29.87
C THR A 58 -27.14 6.73 30.99
N ALA A 59 -26.45 6.66 32.14
CA ALA A 59 -26.75 7.55 33.26
C ALA A 59 -26.17 8.95 33.01
N ASN A 60 -25.86 9.22 31.76
CA ASN A 60 -25.19 10.44 31.36
C ASN A 60 -26.20 11.35 30.67
N GLU A 61 -26.24 12.62 31.05
CA GLU A 61 -27.22 13.53 30.45
C GLU A 61 -27.08 13.62 28.93
N SER A 62 -25.90 13.28 28.44
CA SER A 62 -25.62 13.42 27.01
C SER A 62 -25.95 12.15 26.24
N VAL A 63 -26.55 11.18 26.90
CA VAL A 63 -26.88 9.90 26.28
C VAL A 63 -28.36 9.61 26.39
N THR A 64 -28.95 9.18 25.29
CA THR A 64 -30.34 8.71 25.28
C THR A 64 -30.39 7.30 24.72
N TRP A 65 -31.04 6.39 25.43
CA TRP A 65 -31.14 5.01 25.00
C TRP A 65 -32.50 4.76 24.36
N ILE A 66 -32.49 4.13 23.18
CA ILE A 66 -33.71 3.70 22.52
C ILE A 66 -33.67 2.19 22.31
N GLN A 67 -34.62 1.48 22.92
CA GLN A 67 -34.65 0.02 22.85
C GLN A 67 -35.08 -0.45 21.46
N THR A 68 -34.19 -1.21 20.82
CA THR A 68 -34.47 -1.81 19.51
C THR A 68 -34.08 -3.29 19.58
N ASP A 69 -34.99 -4.16 19.14
CA ASP A 69 -34.80 -5.60 19.34
C ASP A 69 -33.97 -6.31 18.27
N THR A 70 -33.89 -5.72 17.08
CA THR A 70 -33.18 -6.35 15.97
C THR A 70 -32.20 -5.40 15.31
N ALA A 71 -31.31 -5.94 14.48
CA ALA A 71 -30.40 -5.12 13.72
C ALA A 71 -31.16 -4.17 12.79
N GLU A 72 -32.16 -4.72 12.09
CA GLU A 72 -32.98 -3.90 11.20
CA GLU A 72 -32.98 -3.90 11.20
C GLU A 72 -33.63 -2.73 11.94
N ALA A 73 -34.18 -3.00 13.13
CA ALA A 73 -34.82 -1.96 13.93
C ALA A 73 -33.81 -0.89 14.36
N ALA A 74 -32.60 -1.31 14.72
CA ALA A 74 -31.57 -0.38 15.13
C ALA A 74 -31.16 0.52 13.97
N ALA A 75 -31.02 -0.08 12.78
CA ALA A 75 -30.68 0.68 11.59
C ALA A 75 -31.78 1.69 11.24
N GLN A 76 -33.01 1.21 11.20
CA GLN A 76 -34.15 2.07 10.90
CA GLN A 76 -34.17 2.06 10.91
C GLN A 76 -34.27 3.22 11.89
N GLY A 77 -34.07 2.94 13.17
CA GLY A 77 -34.16 3.99 14.18
C GLY A 77 -33.12 5.08 13.98
N ALA A 78 -31.88 4.68 13.81
CA ALA A 78 -30.82 5.66 13.63
C ALA A 78 -31.04 6.48 12.36
N ILE A 79 -31.50 5.82 11.29
CA ILE A 79 -31.67 6.52 10.02
C ILE A 79 -32.79 7.55 10.12
N LEU A 80 -33.86 7.21 10.84
CA LEU A 80 -34.95 8.16 10.97
C LEU A 80 -34.55 9.33 11.87
N ALA A 81 -33.65 9.10 12.81
CA ALA A 81 -33.13 10.20 13.60
C ALA A 81 -32.36 11.17 12.73
N VAL A 82 -31.63 10.65 11.74
CA VAL A 82 -30.94 11.52 10.76
C VAL A 82 -31.94 12.21 9.83
N LYS A 83 -32.92 11.44 9.36
CA LYS A 83 -33.95 11.99 8.48
C LYS A 83 -34.66 13.17 9.15
N ASN A 84 -34.93 13.02 10.44
CA ASN A 84 -35.71 14.00 11.20
C ASN A 84 -34.84 15.15 11.71
N LYS A 85 -33.55 15.10 11.36
CA LYS A 85 -32.59 16.14 11.74
C LYS A 85 -32.29 16.18 13.23
N GLU A 86 -32.55 15.07 13.93
CA GLU A 86 -32.24 14.95 15.35
C GLU A 86 -30.79 14.51 15.56
N ALA A 87 -30.14 14.02 14.51
CA ALA A 87 -28.76 13.55 14.62
C ALA A 87 -27.90 14.15 13.51
N ASP A 88 -26.63 14.41 13.83
CA ASP A 88 -25.70 15.11 12.94
C ASP A 88 -24.73 14.15 12.27
N ILE A 89 -24.46 13.03 12.93
CA ILE A 89 -23.51 12.03 12.48
C ILE A 89 -24.11 10.64 12.65
N LEU A 90 -23.93 9.78 11.67
CA LEU A 90 -24.45 8.42 11.76
C LEU A 90 -23.32 7.44 12.01
N VAL A 91 -23.51 6.57 13.00
CA VAL A 91 -22.48 5.60 13.35
C VAL A 91 -22.98 4.18 13.23
N LYS A 92 -22.30 3.35 12.42
CA LYS A 92 -22.67 1.95 12.41
C LYS A 92 -22.20 1.27 13.68
N GLY A 93 -23.14 0.61 14.37
CA GLY A 93 -22.78 -0.16 15.54
C GLY A 93 -22.58 -1.62 15.23
N PHE A 94 -23.10 -2.46 16.12
CA PHE A 94 -22.87 -3.89 16.07
C PHE A 94 -23.86 -4.59 15.14
N ILE A 95 -23.90 -4.16 13.89
CA ILE A 95 -24.79 -4.77 12.88
C ILE A 95 -24.04 -4.87 11.58
N PRO A 96 -24.52 -5.72 10.65
CA PRO A 96 -23.84 -5.81 9.36
C PRO A 96 -23.88 -4.50 8.59
N THR A 97 -22.79 -4.16 7.90
CA THR A 97 -22.77 -2.94 7.11
C THR A 97 -23.94 -2.83 6.14
N ALA A 98 -24.25 -3.93 5.44
CA ALA A 98 -25.30 -3.93 4.44
C ALA A 98 -26.67 -3.55 5.02
N THR A 99 -26.88 -3.93 6.28
CA THR A 99 -28.14 -3.64 6.96
C THR A 99 -28.33 -2.13 7.12
N LEU A 100 -27.25 -1.42 7.42
CA LEU A 100 -27.34 0.04 7.54
C LEU A 100 -27.35 0.70 6.16
N MSE A 101 -26.49 0.21 5.28
CA MSE A 101 -26.30 0.86 3.99
C MSE A 101 -27.57 0.89 3.11
O MSE A 101 -27.77 1.85 2.38
CB MSE A 101 -25.13 0.21 3.24
CG MSE A 101 -24.64 0.98 2.02
SE MSE A 101 -23.82 2.73 2.34
CE MSE A 101 -23.54 2.68 4.24
N HIS A 102 -28.42 -0.13 3.17
CA HIS A 102 -29.61 -0.08 2.33
C HIS A 102 -30.53 1.06 2.74
N HIS A 103 -30.55 1.39 4.03
CA HIS A 103 -31.32 2.56 4.48
C HIS A 103 -30.66 3.87 4.08
N VAL A 104 -29.33 3.93 4.17
CA VAL A 104 -28.58 5.13 3.78
C VAL A 104 -28.84 5.46 2.32
N LEU A 105 -28.94 4.44 1.48
CA LEU A 105 -29.05 4.68 0.04
C LEU A 105 -30.48 4.94 -0.45
N LYS A 106 -31.44 4.74 0.42
CA LYS A 106 -32.83 5.05 0.07
C LYS A 106 -33.00 6.57 0.15
N LYS A 107 -33.26 7.22 -0.98
CA LYS A 107 -33.25 8.69 -1.03
C LYS A 107 -34.23 9.38 -0.06
N GLU A 108 -35.41 8.81 0.12
CA GLU A 108 -36.40 9.37 1.04
C GLU A 108 -35.88 9.59 2.48
N ASN A 109 -34.83 8.87 2.86
CA ASN A 109 -34.28 9.01 4.21
C ASN A 109 -33.44 10.26 4.44
N GLY A 110 -33.21 11.02 3.37
CA GLY A 110 -32.59 12.32 3.50
C GLY A 110 -31.06 12.37 3.48
N LEU A 111 -30.39 11.23 3.34
CA LEU A 111 -28.93 11.24 3.35
C LEU A 111 -28.31 11.33 1.96
N ARG A 112 -28.86 10.58 1.00
CA ARG A 112 -28.23 10.42 -0.30
C ARG A 112 -28.61 11.53 -1.26
N THR A 113 -27.61 12.02 -1.99
CA THR A 113 -27.87 12.94 -3.08
C THR A 113 -27.45 12.24 -4.37
N ASP A 114 -27.10 13.01 -5.39
CA ASP A 114 -26.66 12.43 -6.65
C ASP A 114 -25.21 11.99 -6.53
N GLN A 115 -24.55 12.45 -5.47
CA GLN A 115 -23.13 12.20 -5.28
C GLN A 115 -22.79 10.77 -4.85
N LEU A 116 -21.75 10.21 -5.46
CA LEU A 116 -21.22 8.90 -5.06
C LEU A 116 -20.78 8.95 -3.60
N LEU A 117 -20.98 7.85 -2.85
CA LEU A 117 -20.40 7.79 -1.51
C LEU A 117 -18.99 7.18 -1.59
N SER A 118 -18.08 7.65 -0.75
CA SER A 118 -16.74 7.09 -0.70
C SER A 118 -16.19 7.07 0.73
N GLN A 119 -15.20 6.20 0.99
CA GLN A 119 -14.51 6.24 2.27
C GLN A 119 -13.30 7.15 2.15
N ILE A 120 -12.98 7.88 3.21
CA ILE A 120 -11.81 8.72 3.21
C ILE A 120 -11.17 8.67 4.59
N ALA A 121 -9.84 8.74 4.63
CA ALA A 121 -9.14 8.67 5.91
C ALA A 121 -8.13 9.80 5.98
N ILE A 122 -7.91 10.33 7.18
CA ILE A 122 -6.91 11.36 7.37
C ILE A 122 -5.87 10.82 8.35
N PHE A 123 -4.60 10.95 8.00
CA PHE A 123 -3.51 10.35 8.76
C PHE A 123 -2.57 11.40 9.34
N ASP A 124 -2.18 11.23 10.60
CA ASP A 124 -1.02 11.91 11.14
C ASP A 124 0.09 10.86 11.13
N ILE A 125 1.03 11.00 10.21
CA ILE A 125 2.13 10.04 10.04
C ILE A 125 3.39 10.70 10.59
N PRO A 126 4.04 10.06 11.58
CA PRO A 126 5.24 10.65 12.20
C PRO A 126 6.28 11.13 11.19
N THR A 127 6.46 10.38 10.11
CA THR A 127 7.52 10.69 9.15
C THR A 127 7.07 11.55 7.97
N TYR A 128 5.84 12.08 8.03
CA TYR A 128 5.37 13.06 7.05
C TYR A 128 5.07 14.39 7.76
N HIS A 129 5.24 15.50 7.05
CA HIS A 129 5.29 16.82 7.68
C HIS A 129 3.94 17.48 7.93
N LYS A 130 2.87 16.88 7.40
CA LYS A 130 1.53 17.44 7.55
C LYS A 130 0.50 16.32 7.41
N PRO A 131 -0.78 16.63 7.68
CA PRO A 131 -1.78 15.56 7.57
C PRO A 131 -1.90 15.10 6.13
N LEU A 132 -2.29 13.85 5.94
CA LEU A 132 -2.45 13.30 4.59
C LEU A 132 -3.80 12.60 4.49
N LEU A 133 -4.60 12.97 3.49
CA LEU A 133 -5.89 12.33 3.24
C LEU A 133 -5.70 11.26 2.17
N ILE A 134 -6.26 10.08 2.40
CA ILE A 134 -6.23 9.02 1.39
C ILE A 134 -7.65 8.47 1.14
N THR A 135 -7.97 8.26 -0.12
CA THR A 135 -9.31 7.78 -0.50
C THR A 135 -9.15 7.08 -1.83
N ASP A 136 -9.93 6.04 -2.15
CA ASP A 136 -10.93 5.37 -1.30
C ASP A 136 -10.33 4.03 -0.84
N CYS A 137 -10.25 3.82 0.47
CA CYS A 137 -9.55 2.66 1.04
C CYS A 137 -10.44 1.47 1.42
N ALA A 138 -11.75 1.58 1.23
CA ALA A 138 -12.62 0.56 1.82
C ALA A 138 -14.01 0.41 1.22
N MSE A 139 -14.40 1.30 0.30
CA MSE A 139 -15.75 1.25 -0.24
C MSE A 139 -15.82 0.96 -1.75
O MSE A 139 -16.27 -0.11 -2.16
CB MSE A 139 -16.52 2.53 0.11
CG MSE A 139 -17.94 2.56 -0.39
SE MSE A 139 -19.01 3.88 0.62
CE MSE A 139 -19.34 2.82 2.22
N ASN A 140 -15.35 1.90 -2.57
CA ASN A 140 -15.37 1.73 -4.02
C ASN A 140 -14.29 0.76 -4.50
N VAL A 141 -14.72 -0.38 -5.05
CA VAL A 141 -13.78 -1.46 -5.36
C VAL A 141 -12.87 -1.23 -6.55
N ALA A 142 -13.47 -0.92 -7.69
CA ALA A 142 -12.72 -0.71 -8.92
C ALA A 142 -13.27 0.52 -9.66
N PRO A 143 -13.07 1.70 -9.09
CA PRO A 143 -13.57 2.91 -9.74
C PRO A 143 -12.84 3.20 -11.04
N LYS A 144 -13.61 3.62 -12.04
CA LYS A 144 -13.03 4.06 -13.29
C LYS A 144 -13.05 5.58 -13.31
N THR A 145 -12.90 6.19 -14.49
CA THR A 145 -12.69 7.63 -14.54
C THR A 145 -13.79 8.45 -13.85
N LYS A 146 -15.04 8.19 -14.21
CA LYS A 146 -16.16 8.95 -13.63
C LYS A 146 -16.24 8.83 -12.10
N GLU A 147 -16.06 7.61 -11.61
CA GLU A 147 -16.08 7.37 -10.16
C GLU A 147 -14.87 8.03 -9.47
N LYS A 148 -13.70 7.96 -10.09
CA LYS A 148 -12.52 8.62 -9.52
C LYS A 148 -12.71 10.14 -9.48
N ILE A 149 -13.44 10.68 -10.45
CA ILE A 149 -13.73 12.10 -10.41
C ILE A 149 -14.58 12.42 -9.18
N ALA A 150 -15.62 11.61 -8.95
CA ALA A 150 -16.50 11.79 -7.80
C ALA A 150 -15.75 11.61 -6.49
N ILE A 151 -14.87 10.63 -6.44
CA ILE A 151 -14.07 10.39 -5.24
C ILE A 151 -13.21 11.61 -4.92
N THR A 152 -12.69 12.24 -5.97
CA THR A 152 -11.84 13.41 -5.82
C THR A 152 -12.69 14.61 -5.38
N GLU A 153 -13.91 14.72 -5.91
CA GLU A 153 -14.82 15.77 -5.47
C GLU A 153 -15.13 15.67 -3.98
N ASN A 154 -15.40 14.45 -3.53
CA ASN A 154 -15.66 14.21 -2.11
C ASN A 154 -14.46 14.60 -1.27
N ALA A 155 -13.27 14.28 -1.76
CA ALA A 155 -12.06 14.62 -1.00
C ALA A 155 -11.85 16.15 -0.95
N LEU A 156 -12.10 16.84 -2.06
CA LEU A 156 -12.03 18.30 -2.09
C LEU A 156 -12.98 18.94 -1.07
N ALA A 157 -14.20 18.41 -0.99
CA ALA A 157 -15.17 18.94 -0.03
C ALA A 157 -14.69 18.73 1.40
N VAL A 158 -14.13 17.56 1.67
CA VAL A 158 -13.65 17.28 3.02
C VAL A 158 -12.49 18.21 3.34
N ALA A 159 -11.59 18.39 2.37
CA ALA A 159 -10.43 19.26 2.57
C ALA A 159 -10.86 20.65 3.01
N HIS A 160 -11.83 21.24 2.30
CA HIS A 160 -12.33 22.55 2.72
C HIS A 160 -13.00 22.53 4.10
N GLN A 161 -13.78 21.50 4.39
CA GLN A 161 -14.46 21.45 5.68
C GLN A 161 -13.52 21.40 6.88
N ILE A 162 -12.39 20.71 6.72
CA ILE A 162 -11.46 20.55 7.84
C ILE A 162 -10.30 21.54 7.82
N GLY A 163 -10.29 22.42 6.82
CA GLY A 163 -9.43 23.58 6.84
C GLY A 163 -8.15 23.49 6.03
N ILE A 164 -8.04 22.48 5.17
CA ILE A 164 -6.89 22.37 4.30
C ILE A 164 -7.16 23.17 3.04
N THR A 165 -6.50 24.31 2.93
CA THR A 165 -6.70 25.18 1.77
C THR A 165 -5.78 24.80 0.60
N ASN A 166 -6.31 24.91 -0.62
CA ASN A 166 -5.55 24.62 -1.83
C ASN A 166 -4.83 23.28 -1.75
N PRO A 167 -5.59 22.21 -1.43
CA PRO A 167 -4.96 20.89 -1.27
C PRO A 167 -4.36 20.42 -2.58
N LYS A 168 -3.17 19.84 -2.50
CA LYS A 168 -2.52 19.26 -3.65
C LYS A 168 -2.95 17.79 -3.73
N ILE A 169 -3.53 17.42 -4.87
CA ILE A 169 -4.10 16.11 -5.07
C ILE A 169 -3.22 15.29 -6.01
N ALA A 170 -2.97 14.03 -5.66
CA ALA A 170 -2.14 13.14 -6.46
C ALA A 170 -2.92 11.87 -6.80
N LEU A 171 -3.08 11.58 -8.08
CA LEU A 171 -3.65 10.30 -8.49
C LEU A 171 -2.55 9.25 -8.52
N LEU A 172 -2.63 8.28 -7.62
CA LEU A 172 -1.56 7.29 -7.48
C LEU A 172 -1.61 6.20 -8.52
N SER A 173 -0.43 5.77 -8.99
CA SER A 173 -0.29 4.54 -9.76
C SER A 173 1.08 3.95 -9.45
N ALA A 174 1.57 3.05 -10.29
CA ALA A 174 2.90 2.48 -10.07
C ALA A 174 4.00 3.17 -10.87
N VAL A 175 3.60 3.99 -11.83
CA VAL A 175 4.53 4.70 -12.70
C VAL A 175 3.96 6.07 -13.07
N GLU A 176 4.78 6.91 -13.69
CA GLU A 176 4.34 8.23 -14.14
C GLU A 176 4.01 8.23 -15.63
N GLU A 177 4.54 7.27 -16.37
CA GLU A 177 4.31 7.26 -17.81
C GLU A 177 2.91 6.73 -18.09
N VAL A 178 2.19 7.43 -18.96
CA VAL A 178 0.84 7.01 -19.30
C VAL A 178 0.92 5.95 -20.38
N THR A 179 0.29 4.80 -20.16
CA THR A 179 0.36 3.70 -21.10
C THR A 179 -0.87 2.82 -20.99
N ALA A 180 -1.37 2.38 -22.14
CA ALA A 180 -2.55 1.52 -22.20
C ALA A 180 -2.32 0.21 -21.47
N LYS A 181 -1.05 -0.18 -21.34
CA LYS A 181 -0.71 -1.41 -20.63
C LYS A 181 -0.96 -1.35 -19.13
N MSE A 182 -1.20 -0.14 -18.61
CA MSE A 182 -1.59 0.06 -17.21
C MSE A 182 -2.74 1.04 -17.16
O MSE A 182 -2.53 2.24 -16.99
CB MSE A 182 -0.40 0.55 -16.37
CG MSE A 182 -0.68 0.55 -14.86
SE MSE A 182 0.87 1.07 -13.77
CE MSE A 182 2.17 -0.06 -14.67
N PRO A 183 -3.97 0.54 -17.31
CA PRO A 183 -5.15 1.40 -17.48
C PRO A 183 -5.37 2.41 -16.36
N SER A 184 -4.81 2.17 -15.17
CA SER A 184 -4.94 3.14 -14.09
C SER A 184 -4.19 4.43 -14.44
N THR A 185 -3.18 4.35 -15.30
CA THR A 185 -2.48 5.56 -15.72
C THR A 185 -3.34 6.40 -16.66
N LEU A 186 -4.11 5.74 -17.52
CA LEU A 186 -5.02 6.43 -18.44
C LEU A 186 -6.14 7.09 -17.67
N GLU A 187 -6.68 6.40 -16.67
CA GLU A 187 -7.73 6.96 -15.84
C GLU A 187 -7.21 8.17 -15.08
N ALA A 188 -6.01 8.05 -14.52
CA ALA A 188 -5.40 9.16 -13.81
C ALA A 188 -5.30 10.39 -14.71
N GLN A 189 -4.80 10.20 -15.93
CA GLN A 189 -4.64 11.31 -16.86
CA GLN A 189 -4.64 11.29 -16.87
C GLN A 189 -5.98 11.97 -17.16
N GLU A 190 -7.02 11.17 -17.32
CA GLU A 190 -8.36 11.71 -17.57
C GLU A 190 -8.91 12.50 -16.38
N VAL A 191 -8.55 12.12 -15.17
CA VAL A 191 -9.02 12.88 -14.01
C VAL A 191 -8.28 14.21 -13.96
N VAL A 192 -6.97 14.18 -14.22
CA VAL A 192 -6.19 15.42 -14.31
C VAL A 192 -6.75 16.33 -15.40
N GLN A 193 -7.04 15.76 -16.57
CA GLN A 193 -7.62 16.54 -17.66
C GLN A 193 -8.94 17.20 -17.23
N HIS A 194 -9.70 16.51 -16.40
CA HIS A 194 -11.00 17.03 -15.97
C HIS A 194 -10.88 18.21 -15.00
N PHE A 195 -9.99 18.10 -14.02
CA PHE A 195 -9.83 19.12 -13.00
C PHE A 195 -8.73 20.12 -13.35
N GLY A 196 -7.74 19.61 -14.09
CA GLY A 196 -6.52 20.34 -14.41
C GLY A 196 -6.60 21.85 -14.37
N ASN A 197 -7.58 22.41 -15.06
CA ASN A 197 -7.68 23.86 -15.22
C ASN A 197 -8.29 24.62 -14.03
N GLN A 198 -8.77 23.90 -13.02
CA GLN A 198 -9.45 24.55 -11.91
C GLN A 198 -8.79 24.38 -10.54
N ILE A 199 -8.06 23.28 -10.36
CA ILE A 199 -7.41 22.98 -9.09
C ILE A 199 -6.08 22.26 -9.33
N SER A 200 -5.30 22.09 -8.26
CA SER A 200 -4.00 21.43 -8.36
CA SER A 200 -4.00 21.43 -8.38
C SER A 200 -4.13 19.92 -8.32
N VAL A 201 -4.13 19.28 -9.49
CA VAL A 201 -4.19 17.82 -9.53
C VAL A 201 -3.07 17.26 -10.39
N SER A 202 -2.37 16.24 -9.89
CA SER A 202 -1.26 15.64 -10.62
C SER A 202 -1.46 14.15 -10.72
N GLY A 203 -0.79 13.52 -11.68
CA GLY A 203 -0.89 12.08 -11.82
C GLY A 203 -0.91 11.68 -13.28
N PRO A 204 -0.65 10.39 -13.56
CA PRO A 204 -0.38 9.38 -12.54
C PRO A 204 0.99 9.60 -11.87
N LEU A 205 1.07 9.32 -10.58
CA LEU A 205 2.32 9.44 -9.82
C LEU A 205 2.48 8.17 -9.00
N ALA A 206 3.70 7.65 -8.91
CA ALA A 206 3.99 6.63 -7.92
C ALA A 206 4.05 7.33 -6.57
N LEU A 207 3.88 6.58 -5.48
CA LEU A 207 3.78 7.19 -4.17
C LEU A 207 5.01 8.04 -3.83
N ASP A 208 6.21 7.58 -4.21
CA ASP A 208 7.42 8.35 -3.88
C ASP A 208 7.37 9.79 -4.41
N VAL A 209 6.83 9.95 -5.61
CA VAL A 209 6.75 11.27 -6.20
C VAL A 209 5.76 12.16 -5.45
N ALA A 210 4.69 11.57 -4.94
CA ALA A 210 3.63 12.34 -4.29
C ALA A 210 4.08 12.88 -2.94
N ILE A 211 4.90 12.11 -2.22
CA ILE A 211 5.22 12.47 -0.84
C ILE A 211 6.70 12.71 -0.50
N SER A 212 7.56 12.67 -1.51
CA SER A 212 8.98 12.94 -1.31
C SER A 212 9.54 13.84 -2.42
N LYS A 213 9.81 15.09 -2.07
CA LYS A 213 10.28 16.04 -3.07
C LYS A 213 11.61 15.57 -3.67
N GLU A 214 12.46 14.98 -2.86
CA GLU A 214 13.76 14.53 -3.36
C GLU A 214 13.62 13.29 -4.25
N ALA A 215 12.70 12.38 -3.91
CA ALA A 215 12.44 11.25 -4.79
C ALA A 215 11.95 11.75 -6.13
N ALA A 216 11.13 12.79 -6.12
CA ALA A 216 10.58 13.35 -7.36
C ALA A 216 11.69 13.98 -8.20
N LEU A 217 12.57 14.74 -7.56
CA LEU A 217 13.70 15.33 -8.27
CA LEU A 217 13.71 15.32 -8.25
C LEU A 217 14.53 14.26 -8.99
N HIS A 218 14.78 13.14 -8.32
CA HIS A 218 15.63 12.10 -8.91
C HIS A 218 14.96 11.34 -10.04
N LYS A 219 13.66 11.54 -10.17
CA LYS A 219 12.91 11.05 -11.33
C LYS A 219 12.76 12.14 -12.38
N GLY A 220 13.39 13.29 -12.14
CA GLY A 220 13.36 14.40 -13.09
C GLY A 220 12.10 15.24 -13.03
N ILE A 221 11.40 15.19 -11.89
CA ILE A 221 10.15 15.90 -11.71
C ILE A 221 10.34 17.03 -10.71
N THR A 222 10.15 18.26 -11.14
CA THR A 222 10.36 19.42 -10.28
C THR A 222 9.09 20.24 -10.03
N ASP A 223 7.94 19.70 -10.43
CA ASP A 223 6.66 20.34 -10.16
C ASP A 223 6.57 20.74 -8.69
N SER A 224 6.12 21.97 -8.42
CA SER A 224 6.02 22.47 -7.06
C SER A 224 5.10 21.62 -6.17
N SER A 225 4.24 20.81 -6.78
CA SER A 225 3.37 19.96 -5.99
C SER A 225 4.09 18.67 -5.56
N ALA A 226 5.22 18.41 -6.21
CA ALA A 226 5.97 17.18 -5.95
C ALA A 226 6.39 17.10 -4.49
N GLY A 227 6.11 15.95 -3.88
CA GLY A 227 6.48 15.72 -2.49
C GLY A 227 5.66 16.52 -1.49
N GLU A 228 4.52 17.02 -1.92
CA GLU A 228 3.71 17.87 -1.06
C GLU A 228 2.23 17.52 -1.15
N ALA A 229 1.93 16.28 -1.54
CA ALA A 229 0.52 15.86 -1.61
C ALA A 229 -0.22 16.06 -0.28
N ASP A 230 -1.46 16.52 -0.37
CA ASP A 230 -2.37 16.58 0.78
C ASP A 230 -3.39 15.46 0.68
N ILE A 231 -3.71 15.09 -0.55
CA ILE A 231 -4.69 14.04 -0.84
C ILE A 231 -4.15 13.05 -1.87
N LEU A 232 -4.21 11.76 -1.54
CA LEU A 232 -3.89 10.69 -2.49
C LEU A 232 -5.19 10.03 -2.93
N ILE A 233 -5.40 9.91 -4.23
CA ILE A 233 -6.55 9.18 -4.73
C ILE A 233 -6.06 7.78 -5.17
N ALA A 234 -6.48 6.73 -4.49
CA ALA A 234 -6.01 5.37 -4.83
C ALA A 234 -6.59 4.89 -6.16
N PRO A 235 -5.82 4.10 -6.91
CA PRO A 235 -6.28 3.60 -8.20
C PRO A 235 -7.29 2.46 -8.07
N ASN A 236 -7.29 1.80 -6.92
CA ASN A 236 -8.22 0.71 -6.70
C ASN A 236 -8.29 0.40 -5.22
N ILE A 237 -9.29 -0.36 -4.80
CA ILE A 237 -9.48 -0.55 -3.37
C ILE A 237 -8.32 -1.30 -2.70
N GLU A 238 -7.70 -2.23 -3.42
CA GLU A 238 -6.62 -3.01 -2.81
C GLU A 238 -5.45 -2.10 -2.48
N THR A 239 -5.18 -1.16 -3.37
CA THR A 239 -4.09 -0.21 -3.13
C THR A 239 -4.40 0.69 -1.95
N GLY A 240 -5.62 1.25 -1.93
CA GLY A 240 -6.01 2.14 -0.84
C GLY A 240 -5.96 1.42 0.50
N ASN A 241 -6.53 0.22 0.55
CA ASN A 241 -6.58 -0.54 1.78
C ASN A 241 -5.18 -0.89 2.30
N ALA A 242 -4.32 -1.32 1.39
CA ALA A 242 -2.96 -1.70 1.77
C ALA A 242 -2.17 -0.48 2.23
N LEU A 243 -2.39 0.65 1.58
CA LEU A 243 -1.69 1.86 1.99
C LEU A 243 -2.13 2.29 3.37
N TYR A 244 -3.45 2.30 3.59
CA TYR A 244 -4.02 2.60 4.89
C TYR A 244 -3.37 1.74 5.97
N LYS A 245 -3.38 0.44 5.76
CA LYS A 245 -2.93 -0.47 6.79
C LYS A 245 -1.42 -0.44 6.99
N SER A 246 -0.68 -0.19 5.91
CA SER A 246 0.77 -0.07 6.03
CA SER A 246 0.78 -0.05 6.02
C SER A 246 1.12 1.14 6.90
N LEU A 247 0.36 2.21 6.77
CA LEU A 247 0.61 3.39 7.60
C LEU A 247 0.30 3.12 9.09
N VAL A 248 -0.81 2.45 9.35
CA VAL A 248 -1.19 2.12 10.73
C VAL A 248 -0.23 1.12 11.39
N TYR A 249 0.09 0.04 10.70
CA TYR A 249 0.83 -1.06 11.34
C TYR A 249 2.36 -0.94 11.26
N PHE A 250 2.86 -0.20 10.28
CA PHE A 250 4.31 -0.11 10.08
C PHE A 250 4.89 1.28 10.27
N ALA A 251 4.08 2.31 10.06
CA ALA A 251 4.56 3.69 10.20
C ALA A 251 4.05 4.39 11.46
N GLY A 252 3.23 3.69 12.24
CA GLY A 252 2.75 4.24 13.50
C GLY A 252 1.81 5.43 13.35
N ALA A 253 1.07 5.47 12.26
CA ALA A 253 0.18 6.60 12.03
C ALA A 253 -1.09 6.56 12.88
N LYS A 254 -1.59 7.74 13.22
CA LYS A 254 -2.91 7.88 13.82
C LYS A 254 -3.86 8.22 12.69
N VAL A 255 -5.06 7.63 12.68
CA VAL A 255 -5.93 7.79 11.52
C VAL A 255 -7.39 7.84 11.91
N GLY A 256 -8.13 8.75 11.28
CA GLY A 256 -9.59 8.81 11.42
C GLY A 256 -10.18 8.60 10.04
N SER A 257 -11.30 7.89 9.97
CA SER A 257 -11.93 7.64 8.68
CA SER A 257 -11.94 7.56 8.68
C SER A 257 -13.44 7.83 8.76
N ALA A 258 -14.05 8.12 7.62
CA ALA A 258 -15.49 8.31 7.57
C ALA A 258 -15.97 8.03 6.15
N VAL A 259 -17.25 7.72 6.01
CA VAL A 259 -17.88 7.65 4.69
C VAL A 259 -18.50 9.01 4.38
N VAL A 260 -18.12 9.58 3.23
CA VAL A 260 -18.51 10.94 2.87
C VAL A 260 -19.28 10.95 1.54
N GLY A 261 -19.94 12.06 1.24
CA GLY A 261 -20.75 12.16 0.04
C GLY A 261 -22.24 12.25 0.34
N ALA A 262 -22.63 11.87 1.56
CA ALA A 262 -24.02 12.03 1.98
C ALA A 262 -24.20 13.31 2.79
N LYS A 263 -25.44 13.61 3.15
CA LYS A 263 -25.74 14.85 3.85
C LYS A 263 -25.20 14.87 5.28
N VAL A 264 -24.88 13.71 5.81
CA VAL A 264 -24.18 13.62 7.09
C VAL A 264 -23.04 12.66 6.97
N PRO A 265 -21.97 12.88 7.76
CA PRO A 265 -20.84 11.95 7.75
C PRO A 265 -21.29 10.64 8.38
N ILE A 266 -20.72 9.54 7.94
CA ILE A 266 -21.08 8.24 8.45
C ILE A 266 -19.80 7.55 8.92
N VAL A 267 -19.87 6.95 10.10
CA VAL A 267 -18.74 6.19 10.65
C VAL A 267 -18.98 4.69 10.50
N ILE A 268 -18.05 4.03 9.84
CA ILE A 268 -18.10 2.58 9.70
C ILE A 268 -16.71 2.08 10.02
N SER A 269 -16.51 1.68 11.27
CA SER A 269 -15.18 1.28 11.72
C SER A 269 -14.93 -0.19 11.45
N SER A 270 -13.66 -0.55 11.33
CA SER A 270 -13.26 -1.95 11.17
C SER A 270 -13.36 -2.69 12.48
N ARG A 271 -13.57 -4.00 12.40
CA ARG A 271 -13.71 -4.82 13.61
C ARG A 271 -12.50 -4.70 14.54
N ASN A 272 -11.32 -4.47 13.96
CA ASN A 272 -10.10 -4.45 14.76
C ASN A 272 -9.36 -3.11 14.84
N ASP A 273 -10.05 -2.01 14.53
CA ASP A 273 -9.48 -0.69 14.71
C ASP A 273 -9.17 -0.46 16.19
N SER A 274 -8.09 0.26 16.48
CA SER A 274 -7.77 0.54 17.88
C SER A 274 -8.77 1.54 18.42
N PRO A 275 -9.01 1.49 19.73
CA PRO A 275 -9.86 2.49 20.39
C PRO A 275 -9.47 3.90 20.01
N GLU A 276 -8.16 4.16 19.94
CA GLU A 276 -7.66 5.49 19.62
C GLU A 276 -8.03 5.90 18.20
N ASN A 277 -7.89 4.99 17.24
CA ASN A 277 -8.26 5.35 15.88
C ASN A 277 -9.77 5.45 15.69
N LYS A 278 -10.53 4.68 16.47
CA LYS A 278 -11.98 4.79 16.38
C LYS A 278 -12.47 6.13 16.96
N LEU A 279 -11.82 6.56 18.03
CA LEU A 279 -12.12 7.88 18.57
C LEU A 279 -11.73 8.95 17.55
N ALA A 280 -10.60 8.73 16.86
CA ALA A 280 -10.15 9.68 15.83
C ALA A 280 -11.19 9.83 14.75
N SER A 281 -11.85 8.73 14.41
CA SER A 281 -12.90 8.77 13.41
C SER A 281 -14.06 9.63 13.88
N PHE A 282 -14.48 9.48 15.14
CA PHE A 282 -15.55 10.32 15.71
C PHE A 282 -15.13 11.78 15.66
N ILE A 283 -13.87 12.06 15.97
CA ILE A 283 -13.39 13.43 15.99
C ILE A 283 -13.40 14.02 14.57
N LEU A 284 -12.98 13.22 13.60
CA LEU A 284 -13.04 13.65 12.20
C LEU A 284 -14.49 14.03 11.86
N THR A 285 -15.43 13.17 12.21
CA THR A 285 -16.82 13.45 11.82
C THR A 285 -17.38 14.72 12.47
N VAL A 286 -16.93 15.01 13.70
CA VAL A 286 -17.33 16.26 14.34
C VAL A 286 -16.79 17.46 13.56
N ARG A 287 -15.56 17.35 13.08
CA ARG A 287 -14.98 18.43 12.30
C ARG A 287 -15.61 18.58 10.90
N LEU A 288 -16.27 17.53 10.45
CA LEU A 288 -16.96 17.55 9.15
C LEU A 288 -18.35 18.16 9.25
N VAL A 289 -18.89 18.27 10.47
CA VAL A 289 -20.22 18.86 10.66
C VAL A 289 -20.07 20.36 10.91
N GLU A 290 -19.04 20.71 11.69
CA GLU A 290 -18.82 22.09 12.12
C GLU A 290 -18.27 22.96 10.98
N THR B 5 13.08 -10.04 20.09
CA THR B 5 14.24 -10.52 19.35
C THR B 5 14.00 -10.54 17.84
N LYS B 6 14.32 -9.44 17.19
CA LYS B 6 13.99 -9.27 15.78
C LYS B 6 15.09 -9.81 14.87
N SER B 7 14.67 -10.43 13.78
CA SER B 7 15.60 -10.97 12.80
CA SER B 7 15.57 -10.99 12.78
C SER B 7 15.68 -10.05 11.59
N ARG B 8 16.91 -9.81 11.13
CA ARG B 8 17.11 -8.93 9.98
C ARG B 8 17.86 -9.64 8.86
N PHE B 9 17.39 -9.45 7.63
CA PHE B 9 17.99 -10.11 6.48
C PHE B 9 19.34 -9.51 6.16
N PHE B 10 19.43 -8.19 6.26
CA PHE B 10 20.65 -7.50 5.88
C PHE B 10 21.59 -7.44 7.07
N SER B 11 22.66 -8.24 6.99
CA SER B 11 23.51 -8.50 8.15
C SER B 11 24.33 -7.30 8.58
N ASP B 12 24.67 -7.27 9.87
CA ASP B 12 25.51 -6.22 10.42
C ASP B 12 26.89 -6.21 9.75
N VAL B 13 27.48 -7.40 9.61
CA VAL B 13 28.76 -7.54 8.94
C VAL B 13 28.58 -7.68 7.43
N ALA B 14 29.17 -6.75 6.69
CA ALA B 14 29.00 -6.69 5.24
C ALA B 14 29.12 -8.06 4.55
N GLU B 15 28.17 -8.35 3.65
CA GLU B 15 28.24 -9.58 2.86
C GLU B 15 29.44 -9.54 1.89
N THR B 16 30.05 -10.69 1.65
CA THR B 16 31.22 -10.76 0.77
CA THR B 16 31.22 -10.76 0.77
C THR B 16 31.11 -11.93 -0.19
N SER B 17 31.85 -11.86 -1.31
CA SER B 17 31.81 -12.94 -2.30
C SER B 17 32.73 -12.67 -3.47
N SER B 18 32.96 -13.71 -4.27
CA SER B 18 33.71 -13.61 -5.52
C SER B 18 32.80 -13.82 -6.74
N PHE B 19 31.51 -13.66 -6.54
CA PHE B 19 30.59 -13.78 -7.66
C PHE B 19 30.77 -12.57 -8.56
N VAL B 20 30.44 -12.74 -9.83
CA VAL B 20 30.65 -11.69 -10.83
C VAL B 20 29.34 -11.07 -11.30
N PHE B 21 29.24 -9.75 -11.21
CA PHE B 21 28.10 -9.01 -11.73
C PHE B 21 28.43 -8.55 -13.14
N ALA B 22 27.52 -8.79 -14.10
CA ALA B 22 27.69 -8.20 -15.42
C ALA B 22 26.81 -6.96 -15.50
N VAL B 23 27.40 -5.79 -15.61
CA VAL B 23 26.63 -4.55 -15.60
C VAL B 23 26.42 -4.07 -17.05
N ALA B 24 25.17 -4.09 -17.50
CA ALA B 24 24.84 -3.60 -18.85
C ALA B 24 24.63 -2.10 -18.86
N GLY B 25 25.68 -1.35 -19.20
CA GLY B 25 25.58 0.11 -19.24
C GLY B 25 26.20 0.72 -18.00
N ALA B 26 27.50 0.50 -17.84
CA ALA B 26 28.23 0.99 -16.67
C ALA B 26 28.63 2.45 -16.89
N ASP B 27 27.63 3.33 -16.84
CA ASP B 27 27.85 4.75 -17.00
C ASP B 27 26.94 5.50 -16.05
N ASP B 28 27.36 6.70 -15.69
CA ASP B 28 26.60 7.62 -14.83
C ASP B 28 26.64 7.21 -13.36
N GLU B 29 26.86 8.18 -12.49
CA GLU B 29 26.95 7.89 -11.05
C GLU B 29 25.74 7.18 -10.46
N VAL B 30 24.56 7.35 -11.05
CA VAL B 30 23.39 6.69 -10.50
C VAL B 30 23.61 5.19 -10.54
N VAL B 31 24.39 4.73 -11.52
CA VAL B 31 24.75 3.32 -11.63
C VAL B 31 26.07 2.99 -10.90
N LEU B 32 27.08 3.84 -11.10
CA LEU B 32 28.40 3.55 -10.58
C LEU B 32 28.49 3.63 -9.06
N GLU B 33 27.67 4.48 -8.43
CA GLU B 33 27.78 4.66 -6.98
C GLU B 33 27.56 3.35 -6.21
N THR B 34 26.63 2.53 -6.69
CA THR B 34 26.33 1.27 -6.03
C THR B 34 27.52 0.33 -6.18
N ILE B 35 28.14 0.36 -7.36
CA ILE B 35 29.31 -0.47 -7.63
C ILE B 35 30.49 -0.06 -6.73
N ARG B 36 30.66 1.24 -6.54
CA ARG B 36 31.70 1.67 -5.62
C ARG B 36 31.47 1.12 -4.20
N LEU B 37 30.21 1.15 -3.74
CA LEU B 37 29.91 0.67 -2.39
C LEU B 37 30.15 -0.84 -2.28
N ALA B 38 29.77 -1.57 -3.32
CA ALA B 38 29.94 -3.02 -3.33
C ALA B 38 31.43 -3.40 -3.27
N LEU B 39 32.26 -2.68 -4.02
CA LEU B 39 33.70 -2.94 -3.99
C LEU B 39 34.30 -2.62 -2.62
N LYS B 40 33.77 -1.59 -1.99
CA LYS B 40 34.25 -1.16 -0.69
C LYS B 40 34.13 -2.27 0.33
N GLN B 41 33.08 -3.09 0.23
CA GLN B 41 32.90 -4.17 1.18
C GLN B 41 33.22 -5.53 0.57
N LYS B 42 33.80 -5.51 -0.62
CA LYS B 42 34.27 -6.72 -1.32
C LYS B 42 33.11 -7.67 -1.59
N LEU B 43 32.00 -7.11 -2.04
CA LEU B 43 30.78 -7.90 -2.22
C LEU B 43 30.84 -8.81 -3.44
N GLY B 44 31.66 -8.44 -4.43
CA GLY B 44 31.76 -9.24 -5.63
C GLY B 44 32.67 -8.59 -6.66
N LYS B 45 32.71 -9.17 -7.85
CA LYS B 45 33.57 -8.68 -8.93
C LYS B 45 32.67 -8.13 -10.03
N PHE B 46 33.23 -7.32 -10.93
CA PHE B 46 32.38 -6.63 -11.91
C PHE B 46 32.89 -6.69 -13.34
N LEU B 47 31.98 -6.96 -14.28
CA LEU B 47 32.26 -6.80 -15.70
C LEU B 47 31.46 -5.59 -16.10
N LEU B 48 32.15 -4.51 -16.47
CA LEU B 48 31.48 -3.23 -16.72
C LEU B 48 31.42 -2.96 -18.21
N PHE B 49 30.24 -3.11 -18.81
CA PHE B 49 30.07 -2.83 -20.22
C PHE B 49 29.57 -1.40 -20.34
N GLY B 50 30.45 -0.50 -20.80
CA GLY B 50 30.10 0.91 -20.86
C GLY B 50 30.83 1.74 -21.89
N LYS B 51 30.50 3.04 -21.93
CA LYS B 51 30.97 3.96 -22.96
C LYS B 51 32.20 4.75 -22.52
N LYS B 52 32.19 5.16 -21.26
CA LYS B 52 33.21 6.05 -20.74
C LYS B 52 33.86 5.47 -19.50
N GLU B 53 35.07 4.95 -19.66
CA GLU B 53 35.74 4.29 -18.55
C GLU B 53 36.02 5.25 -17.40
N ASP B 54 35.79 4.78 -16.18
CA ASP B 54 36.16 5.52 -14.99
C ASP B 54 37.37 4.85 -14.38
N LYS B 55 38.50 5.54 -14.40
CA LYS B 55 39.76 4.98 -13.91
C LYS B 55 39.77 4.73 -12.40
N THR B 56 38.93 5.45 -11.65
CA THR B 56 38.85 5.18 -10.21
C THR B 56 38.22 3.79 -9.93
N LEU B 57 37.34 3.35 -10.82
CA LEU B 57 36.76 2.01 -10.69
C LEU B 57 37.70 0.95 -11.25
N THR B 58 38.16 1.16 -12.48
CA THR B 58 38.91 0.13 -13.19
C THR B 58 40.32 -0.14 -12.66
N ALA B 59 40.81 0.71 -11.77
CA ALA B 59 42.11 0.47 -11.14
C ALA B 59 42.01 -0.66 -10.10
N ASN B 60 40.79 -1.11 -9.87
CA ASN B 60 40.50 -2.19 -8.92
C ASN B 60 40.61 -3.56 -9.60
N GLU B 61 41.35 -4.48 -8.99
CA GLU B 61 41.56 -5.80 -9.59
C GLU B 61 40.26 -6.55 -9.85
N SER B 62 39.26 -6.26 -9.04
CA SER B 62 37.95 -6.92 -9.15
C SER B 62 37.05 -6.34 -10.25
N VAL B 63 37.57 -5.34 -10.99
CA VAL B 63 36.80 -4.73 -12.06
C VAL B 63 37.43 -4.96 -13.43
N THR B 64 36.59 -5.30 -14.41
CA THR B 64 37.04 -5.37 -15.78
C THR B 64 36.16 -4.51 -16.66
N TRP B 65 36.78 -3.66 -17.46
CA TRP B 65 36.02 -2.73 -18.30
C TRP B 65 35.95 -3.27 -19.72
N ILE B 66 34.74 -3.27 -20.26
CA ILE B 66 34.57 -3.63 -21.66
C ILE B 66 33.90 -2.47 -22.38
N GLN B 67 34.58 -1.89 -23.35
CA GLN B 67 34.04 -0.75 -24.10
C GLN B 67 32.87 -1.17 -25.00
N THR B 68 31.70 -0.59 -24.76
CA THR B 68 30.53 -0.80 -25.63
C THR B 68 29.90 0.55 -25.96
N ASP B 69 29.68 0.80 -27.23
CA ASP B 69 29.36 2.15 -27.69
C ASP B 69 27.87 2.47 -27.78
N THR B 70 27.03 1.44 -27.69
CA THR B 70 25.59 1.65 -27.74
C THR B 70 24.91 0.87 -26.63
N ALA B 71 23.69 1.25 -26.31
CA ALA B 71 22.93 0.55 -25.30
C ALA B 71 22.70 -0.91 -25.69
N GLU B 72 22.40 -1.13 -26.97
CA GLU B 72 22.23 -2.50 -27.46
C GLU B 72 23.49 -3.32 -27.25
N ALA B 73 24.63 -2.74 -27.56
CA ALA B 73 25.89 -3.48 -27.43
C ALA B 73 26.15 -3.80 -25.96
N ALA B 74 25.77 -2.89 -25.07
CA ALA B 74 25.98 -3.09 -23.64
C ALA B 74 25.10 -4.24 -23.13
N ALA B 75 23.85 -4.26 -23.56
CA ALA B 75 22.92 -5.30 -23.16
C ALA B 75 23.38 -6.66 -23.69
N GLN B 76 23.77 -6.68 -24.96
CA GLN B 76 24.17 -7.94 -25.56
C GLN B 76 25.46 -8.48 -24.95
N GLY B 77 26.37 -7.57 -24.60
CA GLY B 77 27.63 -7.97 -23.99
C GLY B 77 27.38 -8.59 -22.62
N ALA B 78 26.59 -7.90 -21.81
CA ALA B 78 26.30 -8.41 -20.47
C ALA B 78 25.58 -9.75 -20.53
N ILE B 79 24.69 -9.89 -21.50
CA ILE B 79 23.93 -11.13 -21.66
C ILE B 79 24.84 -12.29 -22.08
N LEU B 80 25.79 -12.02 -22.97
CA LEU B 80 26.69 -13.08 -23.42
C LEU B 80 27.60 -13.54 -22.29
N ALA B 81 27.99 -12.60 -21.43
CA ALA B 81 28.78 -12.94 -20.26
C ALA B 81 28.03 -13.93 -19.38
N VAL B 82 26.73 -13.66 -19.16
CA VAL B 82 25.92 -14.60 -18.40
C VAL B 82 25.78 -15.96 -19.10
N LYS B 83 25.49 -15.94 -20.39
CA LYS B 83 25.33 -17.16 -21.16
C LYS B 83 26.60 -18.03 -21.15
N ASN B 84 27.75 -17.37 -21.12
CA ASN B 84 29.05 -18.06 -21.20
C ASN B 84 29.54 -18.42 -19.80
N LYS B 85 28.69 -18.17 -18.81
CA LYS B 85 28.96 -18.52 -17.40
C LYS B 85 30.12 -17.74 -16.79
N GLU B 86 30.41 -16.58 -17.36
CA GLU B 86 31.42 -15.67 -16.82
C GLU B 86 30.84 -14.78 -15.73
N ALA B 87 29.51 -14.64 -15.72
CA ALA B 87 28.85 -13.77 -14.77
C ALA B 87 27.72 -14.51 -14.07
N ASP B 88 27.55 -14.22 -12.78
CA ASP B 88 26.55 -14.90 -11.96
C ASP B 88 25.27 -14.08 -11.78
N ILE B 89 25.36 -12.78 -12.01
CA ILE B 89 24.24 -11.85 -11.78
C ILE B 89 24.26 -10.81 -12.88
N LEU B 90 23.08 -10.50 -13.41
CA LEU B 90 22.96 -9.48 -14.44
C LEU B 90 22.40 -8.20 -13.83
N VAL B 91 23.01 -7.06 -14.16
CA VAL B 91 22.59 -5.77 -13.62
C VAL B 91 22.27 -4.84 -14.77
N LYS B 92 21.06 -4.28 -14.78
CA LYS B 92 20.74 -3.29 -15.77
C LYS B 92 21.33 -1.98 -15.31
N GLY B 93 22.16 -1.38 -16.16
CA GLY B 93 22.77 -0.11 -15.85
C GLY B 93 22.05 1.05 -16.49
N PHE B 94 22.81 1.92 -17.15
CA PHE B 94 22.27 3.18 -17.65
C PHE B 94 21.70 3.01 -19.05
N ILE B 95 20.76 2.08 -19.16
CA ILE B 95 20.07 1.81 -20.42
C ILE B 95 18.60 1.62 -20.13
N PRO B 96 17.75 1.76 -21.15
CA PRO B 96 16.32 1.51 -20.89
C PRO B 96 16.08 0.07 -20.47
N THR B 97 15.20 -0.12 -19.49
CA THR B 97 14.85 -1.47 -19.07
C THR B 97 14.43 -2.33 -20.26
N ALA B 98 13.64 -1.76 -21.15
CA ALA B 98 13.11 -2.53 -22.29
C ALA B 98 14.23 -3.05 -23.17
N THR B 99 15.31 -2.28 -23.27
CA THR B 99 16.46 -2.67 -24.08
C THR B 99 17.08 -3.96 -23.56
N LEU B 100 17.19 -4.11 -22.25
CA LEU B 100 17.75 -5.33 -21.69
C LEU B 100 16.74 -6.46 -21.72
N MSE B 101 15.50 -6.13 -21.37
CA MSE B 101 14.50 -7.20 -21.21
C MSE B 101 14.07 -7.82 -22.53
O MSE B 101 13.74 -9.00 -22.57
CB MSE B 101 13.30 -6.70 -20.38
CG MSE B 101 13.67 -6.34 -18.95
SE MSE B 101 14.52 -7.83 -18.00
CE MSE B 101 13.00 -9.02 -18.15
N HIS B 102 14.10 -7.05 -23.61
CA HIS B 102 13.82 -7.60 -24.92
C HIS B 102 14.71 -8.82 -25.18
N HIS B 103 16.00 -8.64 -24.93
CA HIS B 103 16.98 -9.71 -25.09
C HIS B 103 16.84 -10.82 -24.04
N VAL B 104 16.63 -10.44 -22.79
CA VAL B 104 16.49 -11.44 -21.73
C VAL B 104 15.32 -12.38 -21.99
N LEU B 105 14.23 -11.82 -22.51
CA LEU B 105 12.95 -12.55 -22.60
C LEU B 105 12.83 -13.49 -23.79
N LYS B 106 13.82 -13.47 -24.68
CA LYS B 106 13.80 -14.38 -25.81
C LYS B 106 14.43 -15.71 -25.41
N LYS B 107 13.59 -16.73 -25.22
CA LYS B 107 14.08 -18.06 -24.88
C LYS B 107 15.33 -18.35 -25.69
N GLU B 108 15.28 -17.95 -26.95
CA GLU B 108 16.38 -18.12 -27.90
C GLU B 108 17.74 -17.74 -27.31
N ASN B 109 17.78 -16.72 -26.46
CA ASN B 109 19.05 -16.19 -25.96
C ASN B 109 19.61 -16.92 -24.73
N GLY B 110 18.82 -17.86 -24.19
CA GLY B 110 19.34 -18.78 -23.19
C GLY B 110 19.35 -18.34 -21.75
N LEU B 111 18.62 -17.28 -21.41
CA LEU B 111 18.59 -16.80 -20.03
C LEU B 111 17.28 -17.14 -19.31
N ARG B 112 16.31 -17.63 -20.06
CA ARG B 112 15.02 -17.90 -19.46
C ARG B 112 14.51 -19.28 -19.82
N THR B 113 13.57 -19.77 -19.02
CA THR B 113 12.91 -21.02 -19.30
C THR B 113 11.46 -20.68 -19.58
N ASP B 114 10.56 -21.62 -19.34
CA ASP B 114 9.14 -21.32 -19.52
C ASP B 114 8.61 -20.53 -18.33
N GLN B 115 9.41 -20.44 -17.28
CA GLN B 115 8.97 -19.75 -16.06
C GLN B 115 8.78 -18.24 -16.27
N LEU B 116 7.68 -17.71 -15.73
CA LEU B 116 7.44 -16.28 -15.70
C LEU B 116 8.49 -15.57 -14.88
N LEU B 117 8.92 -14.39 -15.33
CA LEU B 117 9.84 -13.57 -14.56
C LEU B 117 9.04 -12.61 -13.69
N SER B 118 9.52 -12.33 -12.49
CA SER B 118 8.80 -11.42 -11.60
C SER B 118 9.79 -10.57 -10.81
N GLN B 119 9.33 -9.42 -10.32
CA GLN B 119 10.11 -8.63 -9.36
C GLN B 119 9.74 -9.04 -7.94
N ILE B 120 10.73 -9.05 -7.05
CA ILE B 120 10.50 -9.36 -5.65
C ILE B 120 11.40 -8.48 -4.81
N ALA B 121 10.89 -8.05 -3.65
CA ALA B 121 11.67 -7.21 -2.77
C ALA B 121 11.64 -7.79 -1.37
N ILE B 122 12.75 -7.69 -0.66
CA ILE B 122 12.81 -8.15 0.72
C ILE B 122 13.07 -6.96 1.63
N PHE B 123 12.24 -6.81 2.67
CA PHE B 123 12.27 -5.62 3.51
C PHE B 123 12.69 -5.97 4.92
N ASP B 124 13.58 -5.15 5.48
CA ASP B 124 13.80 -5.12 6.93
C ASP B 124 13.04 -3.89 7.45
N ILE B 125 11.90 -4.11 8.06
CA ILE B 125 11.03 -3.02 8.56
C ILE B 125 11.19 -2.90 10.07
N PRO B 126 11.58 -1.71 10.56
CA PRO B 126 11.83 -1.58 12.00
C PRO B 126 10.71 -2.12 12.88
N THR B 127 9.45 -1.88 12.51
CA THR B 127 8.32 -2.32 13.32
C THR B 127 7.77 -3.71 12.95
N TYR B 128 8.48 -4.47 12.12
CA TYR B 128 8.10 -5.87 11.92
C TYR B 128 9.21 -6.73 12.52
N HIS B 129 8.89 -7.95 12.91
CA HIS B 129 9.83 -8.75 13.71
C HIS B 129 10.77 -9.65 12.89
N LYS B 130 10.59 -9.67 11.56
CA LYS B 130 11.38 -10.56 10.72
C LYS B 130 11.33 -10.02 9.28
N PRO B 131 12.17 -10.58 8.39
CA PRO B 131 12.16 -10.06 7.03
C PRO B 131 10.82 -10.33 6.36
N LEU B 132 10.44 -9.48 5.41
CA LEU B 132 9.17 -9.64 4.70
C LEU B 132 9.43 -9.47 3.21
N LEU B 133 8.98 -10.45 2.42
CA LEU B 133 9.16 -10.40 0.97
C LEU B 133 7.83 -9.94 0.37
N ILE B 134 7.88 -9.04 -0.62
CA ILE B 134 6.65 -8.65 -1.29
C ILE B 134 6.87 -8.73 -2.80
N THR B 135 5.88 -9.25 -3.51
CA THR B 135 5.98 -9.43 -4.97
C THR B 135 4.56 -9.43 -5.53
N ASP B 136 4.33 -8.94 -6.76
CA ASP B 136 5.28 -8.29 -7.64
C ASP B 136 5.01 -6.78 -7.60
N CYS B 137 6.03 -5.99 -7.27
CA CYS B 137 5.86 -4.55 -7.07
C CYS B 137 6.23 -3.67 -8.26
N ALA B 138 6.72 -4.26 -9.35
CA ALA B 138 7.27 -3.44 -10.41
C ALA B 138 7.28 -4.03 -11.82
N MSE B 139 6.97 -5.31 -11.96
CA MSE B 139 7.08 -5.90 -13.29
C MSE B 139 5.73 -6.34 -13.88
O MSE B 139 5.24 -5.75 -14.84
CB MSE B 139 8.07 -7.07 -13.31
CG MSE B 139 8.27 -7.65 -14.67
SE MSE B 139 9.86 -8.79 -14.66
CE MSE B 139 9.72 -9.51 -16.45
N ASN B 140 5.14 -7.37 -13.29
CA ASN B 140 3.84 -7.87 -13.73
C ASN B 140 2.70 -6.93 -13.30
N VAL B 141 2.02 -6.39 -14.31
CA VAL B 141 1.06 -5.30 -14.08
C VAL B 141 -0.28 -5.76 -13.50
N ALA B 142 -0.87 -6.77 -14.14
CA ALA B 142 -2.20 -7.25 -13.77
C ALA B 142 -2.24 -8.77 -13.91
N PRO B 143 -1.43 -9.47 -13.11
CA PRO B 143 -1.40 -10.92 -13.17
C PRO B 143 -2.75 -11.50 -12.75
N LYS B 144 -3.22 -12.52 -13.47
CA LYS B 144 -4.39 -13.28 -13.06
C LYS B 144 -3.96 -14.58 -12.36
N THR B 145 -4.87 -15.54 -12.25
CA THR B 145 -4.55 -16.72 -11.46
C THR B 145 -3.24 -17.41 -11.86
N LYS B 146 -3.10 -17.72 -13.15
CA LYS B 146 -1.95 -18.45 -13.65
C LYS B 146 -0.65 -17.71 -13.36
N GLU B 147 -0.64 -16.41 -13.66
CA GLU B 147 0.53 -15.60 -13.38
C GLU B 147 0.82 -15.46 -11.89
N LYS B 148 -0.22 -15.33 -11.08
CA LYS B 148 -0.02 -15.26 -9.63
C LYS B 148 0.57 -16.54 -9.06
N ILE B 149 0.16 -17.68 -9.61
CA ILE B 149 0.77 -18.93 -9.18
C ILE B 149 2.26 -18.92 -9.51
N ALA B 150 2.60 -18.44 -10.70
CA ALA B 150 4.00 -18.36 -11.10
C ALA B 150 4.79 -17.38 -10.22
N ILE B 151 4.16 -16.26 -9.89
CA ILE B 151 4.77 -15.28 -8.98
C ILE B 151 4.99 -15.90 -7.60
N THR B 152 4.03 -16.71 -7.16
CA THR B 152 4.14 -17.34 -5.86
C THR B 152 5.23 -18.41 -5.89
N GLU B 153 5.29 -19.16 -6.98
CA GLU B 153 6.35 -20.14 -7.17
C GLU B 153 7.73 -19.49 -7.10
N ASN B 154 7.88 -18.34 -7.74
CA ASN B 154 9.16 -17.64 -7.73
C ASN B 154 9.50 -17.18 -6.32
N ALA B 155 8.49 -16.71 -5.61
CA ALA B 155 8.67 -16.28 -4.22
C ALA B 155 9.08 -17.44 -3.30
N LEU B 156 8.47 -18.61 -3.49
CA LEU B 156 8.84 -19.77 -2.69
C LEU B 156 10.29 -20.16 -2.91
N ALA B 157 10.71 -20.10 -4.18
CA ALA B 157 12.07 -20.42 -4.56
C ALA B 157 13.07 -19.49 -3.88
N VAL B 158 12.73 -18.20 -3.87
CA VAL B 158 13.58 -17.20 -3.22
C VAL B 158 13.65 -17.48 -1.73
N ALA B 159 12.49 -17.69 -1.10
CA ALA B 159 12.44 -17.96 0.33
C ALA B 159 13.29 -19.16 0.75
N HIS B 160 13.15 -20.28 0.03
CA HIS B 160 13.94 -21.45 0.35
C HIS B 160 15.43 -21.18 0.16
N GLN B 161 15.78 -20.49 -0.92
CA GLN B 161 17.19 -20.19 -1.21
C GLN B 161 17.82 -19.33 -0.12
N ILE B 162 17.03 -18.46 0.51
CA ILE B 162 17.61 -17.59 1.54
C ILE B 162 17.42 -18.12 2.96
N GLY B 163 16.90 -19.33 3.08
CA GLY B 163 16.89 -20.00 4.37
C GLY B 163 15.56 -20.01 5.11
N ILE B 164 14.50 -19.53 4.45
CA ILE B 164 13.16 -19.64 5.01
C ILE B 164 12.55 -20.97 4.56
N THR B 165 12.50 -21.94 5.48
CA THR B 165 12.18 -23.32 5.09
C THR B 165 10.71 -23.57 4.84
N ASN B 166 9.85 -22.90 5.61
CA ASN B 166 8.40 -23.03 5.45
C ASN B 166 7.74 -21.65 5.48
N PRO B 167 7.98 -20.83 4.45
CA PRO B 167 7.47 -19.46 4.48
C PRO B 167 5.96 -19.42 4.48
N LYS B 168 5.41 -18.50 5.28
CA LYS B 168 3.99 -18.27 5.31
C LYS B 168 3.67 -17.22 4.26
N ILE B 169 2.84 -17.60 3.30
CA ILE B 169 2.54 -16.75 2.16
C ILE B 169 1.09 -16.27 2.24
N ALA B 170 0.90 -14.98 2.04
CA ALA B 170 -0.44 -14.39 2.09
C ALA B 170 -0.76 -13.75 0.74
N LEU B 171 -1.86 -14.21 0.12
CA LEU B 171 -2.40 -13.55 -1.07
C LEU B 171 -3.18 -12.33 -0.59
N LEU B 172 -2.63 -11.16 -0.85
CA LEU B 172 -3.13 -9.92 -0.28
C LEU B 172 -4.33 -9.39 -1.05
N SER B 173 -5.34 -8.91 -0.33
CA SER B 173 -6.48 -8.24 -0.94
C SER B 173 -6.99 -7.19 0.05
N ALA B 174 -8.23 -6.74 -0.10
CA ALA B 174 -8.76 -5.74 0.84
C ALA B 174 -9.74 -6.36 1.84
N VAL B 175 -10.07 -7.63 1.65
CA VAL B 175 -11.00 -8.31 2.55
C VAL B 175 -10.54 -9.75 2.73
N GLU B 176 -11.18 -10.47 3.67
CA GLU B 176 -10.74 -11.83 3.99
C GLU B 176 -11.66 -12.90 3.45
N GLU B 177 -12.70 -12.50 2.73
CA GLU B 177 -13.66 -13.47 2.24
C GLU B 177 -13.75 -13.38 0.74
N VAL B 178 -14.01 -14.52 0.10
CA VAL B 178 -14.14 -14.57 -1.34
CA VAL B 178 -14.14 -14.56 -1.34
C VAL B 178 -15.45 -13.91 -1.76
N THR B 179 -15.36 -12.98 -2.69
CA THR B 179 -16.54 -12.28 -3.16
C THR B 179 -16.37 -11.89 -4.62
N ALA B 180 -17.38 -12.19 -5.43
CA ALA B 180 -17.34 -11.86 -6.85
C ALA B 180 -17.29 -10.34 -7.08
N LYS B 181 -17.56 -9.57 -6.04
CA LYS B 181 -17.45 -8.12 -6.12
C LYS B 181 -15.99 -7.63 -6.14
N MSE B 182 -15.05 -8.52 -5.81
CA MSE B 182 -13.63 -8.17 -5.82
C MSE B 182 -12.81 -9.33 -6.38
O MSE B 182 -12.45 -10.25 -5.65
CB MSE B 182 -13.16 -7.79 -4.41
CG MSE B 182 -11.80 -7.12 -4.34
SE MSE B 182 -11.43 -6.71 -2.47
CE MSE B 182 -13.20 -6.08 -2.07
N PRO B 183 -12.54 -9.30 -7.69
CA PRO B 183 -11.87 -10.39 -8.41
C PRO B 183 -10.56 -10.87 -7.77
N SER B 184 -9.80 -9.98 -7.14
CA SER B 184 -8.55 -10.39 -6.53
C SER B 184 -8.79 -11.42 -5.44
N THR B 185 -9.99 -11.41 -4.86
CA THR B 185 -10.31 -12.40 -3.82
C THR B 185 -10.55 -13.79 -4.44
N LEU B 186 -11.19 -13.82 -5.60
CA LEU B 186 -11.44 -15.10 -6.28
CA LEU B 186 -11.44 -15.08 -6.31
C LEU B 186 -10.11 -15.70 -6.75
N GLU B 187 -9.25 -14.86 -7.31
CA GLU B 187 -7.94 -15.32 -7.74
C GLU B 187 -7.12 -15.83 -6.58
N ALA B 188 -7.19 -15.11 -5.46
CA ALA B 188 -6.51 -15.56 -4.25
C ALA B 188 -6.91 -16.99 -3.90
N GLN B 189 -8.22 -17.26 -3.81
CA GLN B 189 -8.71 -18.60 -3.49
C GLN B 189 -8.13 -19.63 -4.44
N GLU B 190 -8.13 -19.30 -5.73
CA GLU B 190 -7.66 -20.23 -6.76
C GLU B 190 -6.18 -20.51 -6.61
N VAL B 191 -5.42 -19.48 -6.24
CA VAL B 191 -3.99 -19.68 -6.06
C VAL B 191 -3.71 -20.61 -4.88
N VAL B 192 -4.43 -20.38 -3.79
CA VAL B 192 -4.29 -21.21 -2.58
C VAL B 192 -4.62 -22.67 -2.89
N GLN B 193 -5.70 -22.88 -3.64
CA GLN B 193 -6.16 -24.24 -3.91
C GLN B 193 -5.20 -24.98 -4.82
N HIS B 194 -4.42 -24.23 -5.58
CA HIS B 194 -3.42 -24.80 -6.47
C HIS B 194 -2.30 -25.53 -5.74
N PHE B 195 -1.86 -24.98 -4.62
CA PHE B 195 -0.66 -25.47 -3.95
C PHE B 195 -0.91 -26.67 -3.04
N GLY B 196 0.11 -27.50 -2.85
CA GLY B 196 -0.02 -28.65 -1.98
C GLY B 196 -0.21 -28.25 -0.53
N ASN B 197 -0.71 -29.18 0.28
CA ASN B 197 -1.00 -28.88 1.67
C ASN B 197 0.26 -28.68 2.52
N GLN B 198 1.42 -28.93 1.93
CA GLN B 198 2.66 -28.76 2.66
C GLN B 198 3.13 -27.31 2.56
N ILE B 199 2.48 -26.55 1.67
CA ILE B 199 2.80 -25.13 1.47
C ILE B 199 1.90 -24.24 2.30
N SER B 200 2.49 -23.33 3.07
CA SER B 200 1.71 -22.51 3.97
C SER B 200 1.26 -21.27 3.24
N VAL B 201 0.20 -21.40 2.46
CA VAL B 201 -0.30 -20.29 1.66
C VAL B 201 -1.75 -20.06 2.04
N SER B 202 -2.14 -18.80 2.26
CA SER B 202 -3.51 -18.50 2.63
C SER B 202 -3.97 -17.24 1.94
N GLY B 203 -5.27 -17.02 1.93
CA GLY B 203 -5.82 -15.83 1.30
C GLY B 203 -7.21 -16.10 0.78
N PRO B 204 -7.94 -15.03 0.41
CA PRO B 204 -7.47 -13.65 0.50
C PRO B 204 -7.37 -13.15 1.94
N LEU B 205 -6.39 -12.26 2.18
CA LEU B 205 -6.20 -11.62 3.48
C LEU B 205 -5.88 -10.14 3.23
N ALA B 206 -6.45 -9.24 4.04
CA ALA B 206 -6.01 -7.85 4.04
C ALA B 206 -4.69 -7.73 4.79
N LEU B 207 -4.00 -6.62 4.62
CA LEU B 207 -2.64 -6.50 5.18
C LEU B 207 -2.61 -6.69 6.69
N ASP B 208 -3.59 -6.13 7.39
CA ASP B 208 -3.57 -6.18 8.85
C ASP B 208 -3.54 -7.63 9.35
N VAL B 209 -4.38 -8.46 8.75
CA VAL B 209 -4.46 -9.85 9.19
C VAL B 209 -3.21 -10.63 8.78
N ALA B 210 -2.56 -10.20 7.70
CA ALA B 210 -1.35 -10.87 7.22
C ALA B 210 -0.17 -10.66 8.16
N ILE B 211 -0.04 -9.46 8.72
CA ILE B 211 1.17 -9.13 9.49
C ILE B 211 0.98 -8.72 10.95
N SER B 212 -0.26 -8.83 11.44
CA SER B 212 -0.51 -8.55 12.85
C SER B 212 -1.35 -9.64 13.49
N LYS B 213 -0.73 -10.44 14.36
CA LYS B 213 -1.44 -11.51 15.04
C LYS B 213 -2.64 -10.93 15.79
N GLU B 214 -2.45 -9.80 16.46
CA GLU B 214 -3.53 -9.19 17.23
C GLU B 214 -4.70 -8.79 16.33
N ALA B 215 -4.40 -8.23 15.15
CA ALA B 215 -5.47 -7.83 14.25
C ALA B 215 -6.25 -9.03 13.76
N ALA B 216 -5.53 -10.11 13.46
CA ALA B 216 -6.16 -11.32 12.97
C ALA B 216 -7.11 -11.91 14.02
N LEU B 217 -6.65 -11.99 15.25
CA LEU B 217 -7.46 -12.52 16.34
C LEU B 217 -8.70 -11.67 16.56
N HIS B 218 -8.54 -10.35 16.53
CA HIS B 218 -9.68 -9.45 16.72
C HIS B 218 -10.76 -9.67 15.66
N LYS B 219 -10.33 -10.07 14.46
CA LYS B 219 -11.26 -10.40 13.38
C LYS B 219 -11.69 -11.86 13.43
N GLY B 220 -11.29 -12.55 14.50
CA GLY B 220 -11.66 -13.94 14.69
C GLY B 220 -10.98 -14.88 13.71
N ILE B 221 -9.76 -14.53 13.32
CA ILE B 221 -8.94 -15.41 12.50
C ILE B 221 -7.87 -16.02 13.38
N THR B 222 -8.04 -17.30 13.73
CA THR B 222 -7.16 -17.92 14.70
C THR B 222 -6.14 -18.85 14.03
N ASP B 223 -6.04 -18.75 12.71
CA ASP B 223 -5.04 -19.49 11.94
C ASP B 223 -3.64 -19.21 12.47
N SER B 224 -2.80 -20.23 12.45
CA SER B 224 -1.44 -20.10 12.97
C SER B 224 -0.58 -19.21 12.06
N SER B 225 -0.97 -19.12 10.79
CA SER B 225 -0.20 -18.34 9.82
C SER B 225 -0.59 -16.86 9.84
N ALA B 226 -1.80 -16.57 10.29
CA ALA B 226 -2.26 -15.19 10.30
C ALA B 226 -1.37 -14.37 11.23
N GLY B 227 -0.99 -13.19 10.76
CA GLY B 227 -0.18 -12.30 11.56
C GLY B 227 1.29 -12.60 11.49
N GLU B 228 1.65 -13.66 10.75
CA GLU B 228 3.05 -14.09 10.68
C GLU B 228 3.56 -14.28 9.24
N ALA B 229 3.02 -13.52 8.29
CA ALA B 229 3.44 -13.66 6.89
C ALA B 229 4.93 -13.43 6.68
N ASP B 230 5.55 -14.26 5.83
CA ASP B 230 6.93 -14.05 5.37
C ASP B 230 6.89 -13.46 3.98
N ILE B 231 5.82 -13.74 3.24
CA ILE B 231 5.69 -13.33 1.85
C ILE B 231 4.29 -12.80 1.59
N LEU B 232 4.20 -11.62 1.00
CA LEU B 232 2.93 -11.08 0.54
C LEU B 232 2.91 -11.13 -0.98
N ILE B 233 1.84 -11.69 -1.52
CA ILE B 233 1.64 -11.67 -2.97
C ILE B 233 0.66 -10.57 -3.29
N ALA B 234 1.14 -9.52 -3.98
CA ALA B 234 0.29 -8.37 -4.29
C ALA B 234 -0.79 -8.71 -5.33
N PRO B 235 -1.99 -8.13 -5.17
CA PRO B 235 -3.08 -8.43 -6.11
C PRO B 235 -2.92 -7.74 -7.47
N ASN B 236 -2.09 -6.72 -7.54
CA ASN B 236 -1.84 -6.01 -8.80
C ASN B 236 -0.66 -5.09 -8.60
N ILE B 237 -0.13 -4.51 -9.67
CA ILE B 237 1.14 -3.80 -9.54
C ILE B 237 1.00 -2.51 -8.71
N GLU B 238 -0.17 -1.86 -8.77
CA GLU B 238 -0.34 -0.62 -8.04
C GLU B 238 -0.27 -0.85 -6.52
N THR B 239 -0.83 -1.97 -6.09
CA THR B 239 -0.80 -2.32 -4.65
C THR B 239 0.62 -2.67 -4.23
N GLY B 240 1.28 -3.50 -5.04
CA GLY B 240 2.66 -3.86 -4.74
C GLY B 240 3.58 -2.64 -4.66
N ASN B 241 3.45 -1.76 -5.65
CA ASN B 241 4.33 -0.61 -5.69
C ASN B 241 4.05 0.34 -4.53
N ALA B 242 2.77 0.60 -4.26
CA ALA B 242 2.46 1.52 -3.17
C ALA B 242 2.94 0.97 -1.82
N LEU B 243 2.87 -0.34 -1.66
CA LEU B 243 3.30 -0.94 -0.41
C LEU B 243 4.82 -0.80 -0.28
N TYR B 244 5.53 -1.10 -1.36
CA TYR B 244 6.98 -0.95 -1.41
C TYR B 244 7.36 0.48 -1.01
N LYS B 245 6.74 1.46 -1.66
CA LYS B 245 7.10 2.85 -1.41
C LYS B 245 6.69 3.34 -0.02
N SER B 246 5.57 2.84 0.49
CA SER B 246 5.15 3.21 1.84
C SER B 246 6.15 2.73 2.87
N LEU B 247 6.64 1.51 2.69
CA LEU B 247 7.61 0.94 3.63
C LEU B 247 8.91 1.73 3.60
N VAL B 248 9.36 2.10 2.40
CA VAL B 248 10.60 2.86 2.26
C VAL B 248 10.45 4.27 2.82
N TYR B 249 9.40 5.00 2.42
CA TYR B 249 9.34 6.43 2.73
C TYR B 249 8.67 6.81 4.05
N PHE B 250 7.85 5.91 4.58
CA PHE B 250 7.12 6.23 5.80
C PHE B 250 7.55 5.33 6.96
N ALA B 251 7.94 4.09 6.66
CA ALA B 251 8.29 3.16 7.74
C ALA B 251 9.81 2.96 7.91
N GLY B 252 10.62 3.63 7.10
CA GLY B 252 12.07 3.54 7.22
C GLY B 252 12.68 2.18 6.95
N ALA B 253 12.06 1.42 6.06
CA ALA B 253 12.53 0.06 5.78
C ALA B 253 13.76 0.07 4.89
N LYS B 254 14.67 -0.88 5.09
CA LYS B 254 15.72 -1.13 4.13
C LYS B 254 15.18 -2.21 3.22
N VAL B 255 15.42 -2.08 1.93
CA VAL B 255 14.86 -3.04 0.97
C VAL B 255 15.81 -3.35 -0.17
N GLY B 256 15.89 -4.64 -0.53
CA GLY B 256 16.63 -5.04 -1.71
C GLY B 256 15.64 -5.69 -2.66
N SER B 257 15.81 -5.48 -3.96
CA SER B 257 14.87 -6.09 -4.91
C SER B 257 15.60 -6.70 -6.09
N ALA B 258 14.97 -7.69 -6.72
CA ALA B 258 15.55 -8.35 -7.87
C ALA B 258 14.46 -8.85 -8.77
N VAL B 259 14.80 -9.08 -10.03
CA VAL B 259 13.95 -9.84 -10.92
C VAL B 259 14.39 -11.30 -10.91
N VAL B 260 13.44 -12.20 -10.65
CA VAL B 260 13.74 -13.61 -10.49
C VAL B 260 12.91 -14.42 -11.48
N GLY B 261 13.26 -15.69 -11.65
CA GLY B 261 12.58 -16.52 -12.62
C GLY B 261 13.42 -16.88 -13.84
N ALA B 262 14.47 -16.09 -14.11
CA ALA B 262 15.42 -16.42 -15.17
C ALA B 262 16.56 -17.26 -14.61
N LYS B 263 17.50 -17.62 -15.48
CA LYS B 263 18.57 -18.52 -15.06
C LYS B 263 19.57 -17.90 -14.10
N VAL B 264 19.62 -16.57 -14.04
CA VAL B 264 20.40 -15.86 -13.04
C VAL B 264 19.54 -14.72 -12.50
N PRO B 265 19.85 -14.25 -11.28
CA PRO B 265 19.13 -13.10 -10.73
C PRO B 265 19.47 -11.84 -11.54
N ILE B 266 18.51 -10.92 -11.64
CA ILE B 266 18.71 -9.67 -12.37
C ILE B 266 18.46 -8.49 -11.44
N VAL B 267 19.35 -7.51 -11.46
CA VAL B 267 19.14 -6.28 -10.70
C VAL B 267 18.61 -5.23 -11.65
N ILE B 268 17.46 -4.65 -11.29
CA ILE B 268 16.91 -3.52 -12.04
C ILE B 268 16.40 -2.55 -11.01
N SER B 269 17.25 -1.62 -10.62
CA SER B 269 16.88 -0.61 -9.62
C SER B 269 16.32 0.64 -10.31
N SER B 270 15.41 1.32 -9.63
CA SER B 270 14.84 2.55 -10.15
C SER B 270 15.85 3.67 -10.10
N ARG B 271 15.62 4.70 -10.90
CA ARG B 271 16.51 5.84 -10.95
C ARG B 271 16.50 6.65 -9.66
N ASN B 272 15.59 6.35 -8.72
CA ASN B 272 15.56 7.15 -7.49
C ASN B 272 15.68 6.40 -6.16
N ASP B 273 16.05 5.13 -6.20
CA ASP B 273 16.30 4.43 -4.95
C ASP B 273 17.58 4.97 -4.31
N SER B 274 17.65 4.90 -2.98
CA SER B 274 18.85 5.36 -2.26
C SER B 274 20.02 4.45 -2.55
N PRO B 275 21.25 4.98 -2.42
CA PRO B 275 22.43 4.12 -2.56
C PRO B 275 22.34 2.88 -1.66
N GLU B 276 21.87 3.04 -0.43
CA GLU B 276 21.80 1.91 0.51
C GLU B 276 20.83 0.82 0.06
N ASN B 277 19.69 1.21 -0.52
CA ASN B 277 18.77 0.21 -1.04
C ASN B 277 19.25 -0.41 -2.35
N LYS B 278 19.93 0.38 -3.18
CA LYS B 278 20.50 -0.19 -4.39
C LYS B 278 21.56 -1.23 -3.99
N LEU B 279 22.36 -0.90 -2.98
CA LEU B 279 23.33 -1.87 -2.48
C LEU B 279 22.65 -3.12 -1.90
N ALA B 280 21.53 -2.91 -1.21
CA ALA B 280 20.74 -4.02 -0.67
C ALA B 280 20.27 -4.97 -1.78
N SER B 281 19.96 -4.42 -2.94
CA SER B 281 19.56 -5.24 -4.09
C SER B 281 20.73 -6.09 -4.59
N PHE B 282 21.93 -5.52 -4.66
CA PHE B 282 23.10 -6.33 -5.02
C PHE B 282 23.25 -7.46 -4.01
N ILE B 283 23.08 -7.13 -2.72
CA ILE B 283 23.30 -8.09 -1.64
C ILE B 283 22.30 -9.24 -1.75
N LEU B 284 21.04 -8.91 -2.03
CA LEU B 284 20.04 -9.95 -2.23
C LEU B 284 20.44 -10.88 -3.38
N THR B 285 20.92 -10.31 -4.49
CA THR B 285 21.25 -11.16 -5.63
C THR B 285 22.44 -12.08 -5.35
N VAL B 286 23.40 -11.61 -4.55
CA VAL B 286 24.48 -12.51 -4.12
C VAL B 286 23.93 -13.68 -3.27
N ARG B 287 22.93 -13.41 -2.44
CA ARG B 287 22.31 -14.48 -1.65
C ARG B 287 21.49 -15.46 -2.51
N LEU B 288 21.06 -15.01 -3.68
CA LEU B 288 20.29 -15.86 -4.59
C LEU B 288 21.14 -16.72 -5.50
N VAL B 289 22.44 -16.41 -5.60
CA VAL B 289 23.36 -17.28 -6.32
C VAL B 289 23.86 -18.34 -5.34
N GLU B 290 24.33 -17.87 -4.17
CA GLU B 290 25.01 -18.70 -3.18
C GLU B 290 24.57 -20.17 -3.15
N1 COD C . -17.50 0.83 4.26
C2 COD C . -16.70 1.89 4.30
N3 COD C . -15.61 1.91 5.09
C4 COD C . -15.29 0.85 5.87
C5 COD C . -16.10 -0.27 5.85
C6 COD C . -17.22 -0.26 5.02
N7 COD C . -18.11 -1.43 4.98
N8 COD C . -15.57 -1.18 6.70
C9 COD C . -14.46 -0.65 7.24
N10 COD C . -14.29 0.57 6.75
C11 COD C . -13.17 1.45 7.08
C12 COD C . -12.72 1.34 8.49
O13 COD C . -13.27 2.41 9.26
C14 COD C . -11.35 1.48 8.47
O15 COD C . -11.02 2.83 8.83
C16 COD C . -10.93 1.24 7.08
O17 COD C . -12.07 1.15 6.30
C18 COD C . -10.16 -0.01 6.97
O19 COD C . -10.40 -1.02 7.93
P20 COD C . -10.70 -2.46 7.49
O21 COD C . -9.90 -3.45 8.40
O22 COD C . -10.31 -2.66 5.97
O23 COD C . -12.24 -2.72 7.69
P24 COD C . -12.91 -4.17 7.39
O25 COD C . -13.80 -4.54 8.49
O26 COD C . -11.82 -5.20 7.26
O27 COD C . -13.74 -4.08 6.01
N1 COD D . 8.07 -13.28 -17.88
C2 COD D . 8.28 -14.10 -18.91
N3 COD D . 7.94 -13.75 -20.16
C4 COD D . 7.37 -12.55 -20.40
C5 COD D . 7.13 -11.67 -19.36
C6 COD D . 7.50 -12.08 -18.07
N7 COD D . 7.26 -11.19 -16.91
N8 COD D . 6.56 -10.57 -19.90
C9 COD D . 6.45 -10.74 -21.23
N10 COD D . 6.93 -11.94 -21.53
C11 COD D . 7.01 -12.56 -22.85
C12 COD D . 5.89 -12.18 -23.76
O13 COD D . 4.83 -13.13 -23.63
C14 COD D . 6.46 -12.30 -25.01
O15 COD D . 6.55 -13.70 -25.35
C16 COD D . 7.81 -11.77 -24.76
O17 COD D . 8.18 -12.29 -23.53
C18 COD D . 7.75 -10.31 -24.64
O19 COD D . 8.21 -9.55 -25.73
P20 COD D . 7.22 -8.95 -26.73
O21 COD D . 7.10 -9.90 -27.98
O22 COD D . 5.80 -8.79 -26.08
O23 COD D . 7.75 -7.54 -27.18
P24 COD D . 9.26 -7.10 -26.82
O25 COD D . 10.24 -8.05 -27.36
O26 COD D . 9.53 -5.73 -27.36
O27 COD D . 9.40 -7.07 -25.20
#